data_6IRE
#
_entry.id   6IRE
#
_cell.length_a   117.946
_cell.length_b   157.213
_cell.length_c   60.986
_cell.angle_alpha   90.000
_cell.angle_beta   90.000
_cell.angle_gamma   90.000
#
_symmetry.space_group_name_H-M   'C 2 2 21'
#
loop_
_entity.id
_entity.type
_entity.pdbx_description
1 polymer '1-phosphatidylinositol 4,5-bisphosphate phosphodiesterase'
2 polymer 'Inactivation-no-after-potential D protein'
3 water water
#
loop_
_entity_poly.entity_id
_entity_poly.type
_entity_poly.pdbx_seq_one_letter_code
_entity_poly.pdbx_strand_id
1 'polypeptide(L)'
;AEPPLVFEPVTLESLRQEAGFQAVGAAQIAELDTLRAAHAAERTSVQKTQNAAIDKLIKGKSKDDIRNDANIKNSINDQT
KQWTDMIARHRKEEWDMLRQHVQDSQDAMKALMLTVQAAQIKQLEDRHARDIKDLNAKQAKMSADTAKEVQNDKTLKTKN
EKDRRLREKRQNNVKRFMEEKKQIGVKQGRAMEKLKLAHSKQIEEFSTDVQKLMDMYKIEEEAYKTQGKTEFYA
;
A
2 'polypeptide(L)'
;ATAEIKPNKKILIELKVEKKPMGVIVCGGKNNHVTTGCVITHVYPEGQVAADKRLKIFDHICDINGTPIHVGSMTTLKVH
QLFHTTYEKAVTLTVFRADPPELEKFNVDLMKKAGKELGLSLSPNEIGCTIADLIQGQYPEIDSKLQRGDIITKFNGDAL
EGLPFQVCYALFKGANGKVSMEVTRPKPTLRTEA
;
B
#
# COMPACT_ATOMS: atom_id res chain seq x y z
N ALA A 1 -7.66 33.01 9.84
CA ALA A 1 -6.76 32.54 10.88
C ALA A 1 -5.43 33.31 10.90
N GLU A 2 -4.57 33.00 11.89
CA GLU A 2 -3.23 33.57 12.03
C GLU A 2 -2.23 32.86 11.11
N PRO A 3 -2.12 31.52 11.14
CA PRO A 3 -1.21 30.85 10.19
C PRO A 3 -1.90 30.61 8.85
N PRO A 4 -1.13 30.39 7.78
CA PRO A 4 -1.76 30.14 6.50
C PRO A 4 -2.52 28.82 6.53
N LEU A 5 -3.51 28.73 5.65
CA LEU A 5 -4.28 27.52 5.56
C LEU A 5 -3.41 26.40 5.00
N VAL A 6 -3.51 25.24 5.60
CA VAL A 6 -2.86 24.04 5.10
C VAL A 6 -4.00 23.10 4.71
N PHE A 7 -4.04 22.70 3.44
CA PHE A 7 -5.12 21.88 2.90
C PHE A 7 -4.76 20.41 2.90
N GLU A 8 -5.74 19.53 3.29
CA GLU A 8 -5.40 18.12 3.20
C GLU A 8 -5.42 17.68 1.73
N PRO A 9 -4.48 16.83 1.31
CA PRO A 9 -4.45 16.43 -0.10
C PRO A 9 -5.65 15.57 -0.48
N VAL A 10 -6.04 15.70 -1.75
CA VAL A 10 -7.19 14.99 -2.31
C VAL A 10 -6.64 13.72 -2.94
N THR A 11 -6.80 12.61 -2.23
CA THR A 11 -6.33 11.32 -2.69
C THR A 11 -7.53 10.43 -2.98
N LEU A 12 -7.24 9.26 -3.52
CA LEU A 12 -8.28 8.28 -3.77
C LEU A 12 -8.92 7.84 -2.45
N GLU A 13 -8.07 7.61 -1.43
CA GLU A 13 -8.54 7.23 -0.11
C GLU A 13 -9.44 8.30 0.51
N SER A 14 -9.08 9.58 0.35
CA SER A 14 -9.89 10.66 0.89
C SER A 14 -11.24 10.74 0.22
N LEU A 15 -11.30 10.44 -1.08
CA LEU A 15 -12.55 10.53 -1.80
C LEU A 15 -13.54 9.48 -1.33
N ARG A 16 -13.06 8.27 -1.06
CA ARG A 16 -13.94 7.19 -0.62
C ARG A 16 -14.69 7.64 0.64
N GLN A 17 -14.02 8.37 1.52
CA GLN A 17 -14.57 8.89 2.75
C GLN A 17 -15.36 10.21 2.57
N GLU A 18 -15.47 10.75 1.36
CA GLU A 18 -16.26 11.97 1.20
C GLU A 18 -17.76 11.68 1.28
N ALA A 19 -18.53 12.75 1.49
CA ALA A 19 -19.97 12.60 1.69
C ALA A 19 -20.73 12.30 0.41
N GLY A 20 -20.29 12.83 -0.73
CA GLY A 20 -21.00 12.61 -1.98
C GLY A 20 -20.87 11.19 -2.49
N PHE A 21 -19.69 10.60 -2.31
CA PHE A 21 -19.46 9.28 -2.85
C PHE A 21 -20.24 8.21 -2.12
N GLN A 22 -20.86 8.55 -1.00
CA GLN A 22 -21.42 7.53 -0.12
C GLN A 22 -22.53 6.73 -0.78
N ALA A 23 -23.46 7.40 -1.49
CA ALA A 23 -24.60 6.69 -2.05
C ALA A 23 -24.16 5.62 -3.03
N VAL A 24 -22.98 5.79 -3.63
CA VAL A 24 -22.46 4.86 -4.63
C VAL A 24 -21.55 3.82 -3.99
N GLY A 25 -20.61 4.28 -3.17
CA GLY A 25 -19.65 3.38 -2.55
C GLY A 25 -20.26 2.37 -1.60
N ALA A 26 -21.34 2.74 -0.93
CA ALA A 26 -22.04 1.79 -0.06
C ALA A 26 -22.63 0.64 -0.89
N ALA A 27 -23.29 0.98 -2.00
CA ALA A 27 -23.89 -0.04 -2.86
C ALA A 27 -22.83 -0.96 -3.43
N GLN A 28 -21.69 -0.38 -3.84
CA GLN A 28 -20.59 -1.20 -4.33
C GLN A 28 -20.06 -2.11 -3.22
N ILE A 29 -19.86 -1.56 -2.02
CA ILE A 29 -19.39 -2.37 -0.90
C ILE A 29 -20.41 -3.45 -0.56
N ALA A 30 -21.70 -3.13 -0.70
CA ALA A 30 -22.75 -4.11 -0.48
C ALA A 30 -22.64 -5.29 -1.44
N GLU A 31 -22.42 -5.00 -2.73
CA GLU A 31 -22.24 -6.07 -3.70
C GLU A 31 -21.07 -6.98 -3.33
N LEU A 32 -19.95 -6.40 -2.93
CA LEU A 32 -18.78 -7.19 -2.59
C LEU A 32 -19.02 -8.14 -1.43
N ASP A 33 -19.71 -7.66 -0.39
CA ASP A 33 -19.91 -8.50 0.78
C ASP A 33 -20.85 -9.66 0.50
N THR A 34 -21.86 -9.43 -0.35
CA THR A 34 -22.76 -10.51 -0.75
C THR A 34 -22.00 -11.54 -1.59
N LEU A 35 -21.25 -11.07 -2.59
CA LEU A 35 -20.45 -11.99 -3.39
C LEU A 35 -19.40 -12.68 -2.55
N ARG A 36 -18.81 -11.96 -1.59
CA ARG A 36 -17.87 -12.58 -0.67
C ARG A 36 -18.57 -13.50 0.30
N ALA A 37 -19.85 -13.24 0.58
CA ALA A 37 -20.65 -14.20 1.33
C ALA A 37 -20.85 -15.46 0.51
N ALA A 38 -21.12 -15.30 -0.78
CA ALA A 38 -21.22 -16.44 -1.68
C ALA A 38 -19.90 -17.21 -1.73
N HIS A 39 -18.79 -16.49 -1.89
CA HIS A 39 -17.49 -17.14 -1.90
C HIS A 39 -17.20 -17.84 -0.58
N ALA A 40 -17.44 -17.15 0.54
CA ALA A 40 -17.10 -17.70 1.86
C ALA A 40 -17.85 -18.98 2.16
N ALA A 41 -19.11 -19.06 1.75
CA ALA A 41 -19.87 -20.29 1.98
C ALA A 41 -19.25 -21.44 1.21
N GLU A 42 -18.89 -21.19 -0.06
CA GLU A 42 -18.35 -22.24 -0.91
C GLU A 42 -17.00 -22.78 -0.41
N ARG A 43 -16.08 -21.92 0.05
CA ARG A 43 -14.83 -22.51 0.57
C ARG A 43 -15.12 -23.31 1.81
N THR A 44 -16.03 -22.81 2.66
CA THR A 44 -16.41 -23.55 3.86
C THR A 44 -16.88 -24.94 3.47
N SER A 45 -17.76 -25.02 2.46
CA SER A 45 -18.26 -26.31 1.98
C SER A 45 -17.14 -27.18 1.44
N VAL A 46 -16.25 -26.60 0.62
CA VAL A 46 -15.15 -27.38 0.06
C VAL A 46 -14.17 -27.79 1.14
N GLN A 47 -13.99 -26.95 2.16
CA GLN A 47 -13.10 -27.29 3.27
C GLN A 47 -13.64 -28.44 4.09
N LYS A 48 -14.95 -28.45 4.35
CA LYS A 48 -15.55 -29.55 5.09
C LYS A 48 -15.27 -30.88 4.41
N THR A 49 -15.58 -30.97 3.12
CA THR A 49 -15.37 -32.22 2.39
C THR A 49 -13.90 -32.61 2.33
N GLN A 50 -13.02 -31.67 1.98
CA GLN A 50 -11.59 -32.00 1.92
C GLN A 50 -11.07 -32.42 3.28
N ASN A 51 -11.39 -31.65 4.33
CA ASN A 51 -10.91 -32.00 5.65
C ASN A 51 -11.56 -33.27 6.20
N ALA A 52 -12.76 -33.63 5.71
CA ALA A 52 -13.39 -34.88 6.12
C ALA A 52 -12.81 -36.09 5.40
N ALA A 53 -12.26 -35.90 4.21
CA ALA A 53 -11.69 -37.02 3.48
C ALA A 53 -10.23 -37.26 3.84
N ILE A 54 -9.48 -36.19 4.11
CA ILE A 54 -8.07 -36.35 4.44
C ILE A 54 -7.88 -37.02 5.79
N ASP A 55 -8.90 -37.04 6.63
CA ASP A 55 -8.79 -37.77 7.87
C ASP A 55 -8.53 -39.25 7.60
N LYS A 56 -9.09 -39.75 6.50
CA LYS A 56 -8.72 -41.06 5.99
C LYS A 56 -7.34 -40.93 5.38
N LEU A 57 -6.39 -41.70 5.89
CA LEU A 57 -4.98 -41.62 5.51
C LEU A 57 -4.43 -40.23 5.81
N ASP A 65 -0.35 -42.45 10.29
CA ASP A 65 0.68 -42.86 9.35
C ASP A 65 1.63 -41.70 9.03
N ILE A 66 2.89 -42.01 8.73
CA ILE A 66 3.88 -40.98 8.38
C ILE A 66 4.78 -41.51 7.28
N ARG A 67 4.24 -42.39 6.44
CA ARG A 67 5.00 -42.94 5.32
C ARG A 67 5.20 -41.91 4.22
N ASN A 68 4.11 -41.24 3.79
CA ASN A 68 4.11 -40.18 2.77
C ASN A 68 4.89 -40.55 1.51
N ASP A 69 4.76 -41.81 1.07
CA ASP A 69 5.29 -42.28 -0.20
C ASP A 69 4.23 -43.06 -1.00
N ALA A 70 2.99 -43.11 -0.50
CA ALA A 70 1.93 -43.93 -1.07
C ALA A 70 1.26 -43.26 -2.28
N ASN A 71 0.22 -43.94 -2.77
CA ASN A 71 -0.56 -43.44 -3.87
C ASN A 71 -1.60 -42.46 -3.40
N ILE A 72 -1.39 -41.99 -2.15
CA ILE A 72 -2.18 -40.90 -1.61
C ILE A 72 -1.59 -39.58 -2.05
N LYS A 73 -0.46 -39.61 -2.76
CA LYS A 73 0.14 -38.36 -3.22
C LYS A 73 -0.66 -37.76 -4.37
N ASN A 74 -1.12 -38.60 -5.30
CA ASN A 74 -1.98 -38.13 -6.39
C ASN A 74 -3.36 -37.73 -5.88
N SER A 75 -3.81 -38.30 -4.75
CA SER A 75 -5.10 -37.93 -4.18
C SER A 75 -5.07 -36.55 -3.52
N ILE A 76 -4.04 -36.25 -2.71
CA ILE A 76 -3.98 -34.95 -2.05
C ILE A 76 -3.63 -33.83 -3.02
N ASN A 77 -2.86 -34.11 -4.07
CA ASN A 77 -2.67 -33.09 -5.09
C ASN A 77 -3.87 -33.02 -6.02
N ASP A 78 -4.75 -34.03 -6.00
CA ASP A 78 -6.08 -33.87 -6.58
C ASP A 78 -6.88 -32.82 -5.83
N GLN A 79 -6.86 -32.89 -4.50
CA GLN A 79 -7.42 -31.82 -3.67
C GLN A 79 -6.72 -30.48 -3.92
N THR A 80 -5.38 -30.47 -3.86
CA THR A 80 -4.63 -29.26 -4.10
C THR A 80 -4.70 -28.79 -5.54
N LYS A 81 -5.39 -29.51 -6.41
CA LYS A 81 -5.71 -29.06 -7.77
C LYS A 81 -7.09 -28.46 -7.86
N GLN A 82 -8.10 -29.23 -7.43
CA GLN A 82 -9.49 -28.78 -7.52
C GLN A 82 -9.73 -27.54 -6.67
N TRP A 83 -9.14 -27.47 -5.49
CA TRP A 83 -9.35 -26.29 -4.64
C TRP A 83 -8.74 -25.04 -5.26
N THR A 84 -7.56 -25.17 -5.86
CA THR A 84 -6.97 -24.02 -6.53
C THR A 84 -7.76 -23.60 -7.77
N ASP A 85 -8.37 -24.56 -8.48
CA ASP A 85 -9.21 -24.21 -9.61
C ASP A 85 -10.43 -23.41 -9.16
N MET A 86 -11.06 -23.85 -8.05
CA MET A 86 -12.17 -23.09 -7.48
C MET A 86 -11.76 -21.68 -7.07
N ILE A 87 -10.59 -21.56 -6.42
CA ILE A 87 -10.11 -20.24 -5.98
C ILE A 87 -9.84 -19.33 -7.17
N ALA A 88 -9.31 -19.88 -8.26
CA ALA A 88 -9.14 -19.07 -9.46
C ALA A 88 -10.48 -18.52 -9.91
N ARG A 89 -11.51 -19.37 -9.90
CA ARG A 89 -12.85 -18.89 -10.23
C ARG A 89 -13.30 -17.80 -9.27
N HIS A 90 -13.05 -17.98 -7.97
CA HIS A 90 -13.43 -16.97 -6.98
C HIS A 90 -12.77 -15.62 -7.25
N ARG A 91 -11.43 -15.61 -7.35
CA ARG A 91 -10.69 -14.36 -7.53
C ARG A 91 -10.99 -13.68 -8.86
N LYS A 92 -11.27 -14.45 -9.92
CA LYS A 92 -11.67 -13.85 -11.19
C LYS A 92 -13.02 -13.15 -11.05
N GLU A 93 -13.97 -13.76 -10.34
CA GLU A 93 -15.23 -13.09 -10.11
C GLU A 93 -15.00 -11.79 -9.34
N GLU A 94 -14.15 -11.84 -8.29
CA GLU A 94 -13.85 -10.65 -7.51
C GLU A 94 -13.20 -9.54 -8.33
N TRP A 95 -12.12 -9.85 -9.06
CA TRP A 95 -11.44 -8.84 -9.86
C TRP A 95 -12.37 -8.27 -10.92
N ASP A 96 -13.22 -9.13 -11.52
CA ASP A 96 -14.21 -8.65 -12.49
C ASP A 96 -15.09 -7.56 -11.88
N MET A 97 -15.61 -7.80 -10.67
CA MET A 97 -16.50 -6.84 -10.00
C MET A 97 -15.77 -5.54 -9.64
N LEU A 98 -14.53 -5.66 -9.18
CA LEU A 98 -13.75 -4.49 -8.78
C LEU A 98 -13.49 -3.57 -9.97
N ARG A 99 -13.04 -4.16 -11.08
CA ARG A 99 -12.86 -3.39 -12.30
C ARG A 99 -14.16 -2.75 -12.73
N GLN A 100 -15.26 -3.51 -12.64
CA GLN A 100 -16.57 -2.96 -12.98
C GLN A 100 -16.92 -1.77 -12.08
N HIS A 101 -16.64 -1.88 -10.78
CA HIS A 101 -16.92 -0.77 -9.86
C HIS A 101 -16.12 0.45 -10.25
N VAL A 102 -14.87 0.23 -10.67
CA VAL A 102 -14.03 1.34 -11.13
C VAL A 102 -14.60 2.02 -12.37
N GLN A 103 -15.07 1.23 -13.34
CA GLN A 103 -15.63 1.83 -14.54
C GLN A 103 -16.85 2.68 -14.23
N ASP A 104 -17.75 2.17 -13.39
CA ASP A 104 -18.99 2.88 -13.10
C ASP A 104 -18.71 4.17 -12.32
N SER A 105 -17.78 4.12 -11.36
CA SER A 105 -17.53 5.24 -10.48
C SER A 105 -16.51 6.22 -11.04
N GLN A 106 -15.77 5.78 -12.05
CA GLN A 106 -14.59 6.47 -12.56
C GLN A 106 -14.87 7.93 -12.88
N ASP A 107 -15.90 8.18 -13.70
CA ASP A 107 -16.21 9.56 -14.08
C ASP A 107 -16.67 10.39 -12.89
N ALA A 108 -17.48 9.79 -11.99
CA ALA A 108 -17.97 10.51 -10.82
C ALA A 108 -16.86 10.87 -9.84
N MET A 109 -15.86 10.01 -9.68
CA MET A 109 -14.77 10.35 -8.79
C MET A 109 -13.94 11.50 -9.33
N LYS A 110 -13.67 11.52 -10.64
CA LYS A 110 -12.97 12.67 -11.21
C LYS A 110 -13.74 13.94 -10.87
N ALA A 111 -15.07 13.88 -11.02
CA ALA A 111 -15.92 15.02 -10.68
C ALA A 111 -15.81 15.41 -9.21
N LEU A 112 -15.78 14.45 -8.29
CA LEU A 112 -15.70 14.85 -6.88
C LEU A 112 -14.40 15.56 -6.55
N MET A 113 -13.27 15.04 -7.07
CA MET A 113 -11.97 15.66 -6.84
C MET A 113 -11.94 17.08 -7.36
N LEU A 114 -12.46 17.29 -8.58
CA LEU A 114 -12.51 18.64 -9.11
C LEU A 114 -13.31 19.55 -8.19
N THR A 115 -14.42 19.04 -7.67
CA THR A 115 -15.28 19.83 -6.79
C THR A 115 -14.66 20.04 -5.41
N VAL A 116 -14.04 19.01 -4.84
CA VAL A 116 -13.37 19.22 -3.57
C VAL A 116 -12.25 20.23 -3.73
N GLN A 117 -11.43 20.08 -4.77
CA GLN A 117 -10.35 21.03 -5.03
C GLN A 117 -10.89 22.45 -5.23
N ALA A 118 -12.00 22.59 -5.93
CA ALA A 118 -12.65 23.89 -6.05
C ALA A 118 -12.99 24.48 -4.68
N ALA A 119 -13.40 23.62 -3.74
CA ALA A 119 -13.75 24.10 -2.40
C ALA A 119 -12.56 24.72 -1.71
N GLN A 120 -11.40 24.07 -1.83
CA GLN A 120 -10.14 24.57 -1.28
C GLN A 120 -9.76 25.90 -1.92
N ILE A 121 -9.98 26.01 -3.23
CA ILE A 121 -9.70 27.27 -3.88
C ILE A 121 -10.54 28.39 -3.28
N LYS A 122 -11.84 28.15 -3.13
CA LYS A 122 -12.70 29.16 -2.50
C LYS A 122 -12.25 29.43 -1.07
N GLN A 123 -11.92 28.39 -0.30
CA GLN A 123 -11.46 28.60 1.06
C GLN A 123 -10.27 29.54 1.09
N LEU A 124 -9.29 29.28 0.23
CA LEU A 124 -8.11 30.15 0.17
C LEU A 124 -8.50 31.54 -0.32
N GLU A 125 -9.38 31.62 -1.31
CA GLU A 125 -9.80 32.91 -1.84
C GLU A 125 -10.41 33.76 -0.74
N ASP A 126 -11.26 33.16 0.07
CA ASP A 126 -11.84 33.87 1.20
C ASP A 126 -10.77 34.30 2.17
N ARG A 127 -9.84 33.40 2.50
CA ARG A 127 -8.73 33.73 3.38
C ARG A 127 -7.97 34.92 2.82
N HIS A 128 -7.72 34.92 1.51
CA HIS A 128 -7.03 36.03 0.88
C HIS A 128 -7.84 37.32 0.97
N ALA A 129 -9.17 37.22 0.88
CA ALA A 129 -10.00 38.41 1.04
C ALA A 129 -9.87 39.03 2.42
N ARG A 130 -9.89 38.20 3.47
CA ARG A 130 -9.71 38.69 4.83
C ARG A 130 -8.36 39.36 5.01
N ASP A 131 -7.30 38.82 4.40
CA ASP A 131 -5.98 39.45 4.51
C ASP A 131 -5.99 40.85 3.93
N ILE A 132 -6.69 41.04 2.82
CA ILE A 132 -6.79 42.38 2.25
C ILE A 132 -7.57 43.30 3.17
N LYS A 133 -8.69 42.83 3.74
CA LYS A 133 -9.45 43.67 4.64
C LYS A 133 -8.59 44.06 5.82
N ASP A 134 -7.76 43.11 6.31
CA ASP A 134 -6.87 43.38 7.44
C ASP A 134 -5.84 44.45 7.08
N LEU A 135 -5.24 44.34 5.90
CA LEU A 135 -4.30 45.35 5.44
C LEU A 135 -4.96 46.72 5.31
N ASN A 136 -6.18 46.75 4.78
CA ASN A 136 -6.91 48.00 4.65
C ASN A 136 -7.19 48.62 6.01
N ALA A 137 -7.52 47.79 7.00
CA ALA A 137 -7.75 48.31 8.34
C ALA A 137 -6.47 48.90 8.90
N LYS A 138 -5.35 48.18 8.72
CA LYS A 138 -4.07 48.68 9.20
C LYS A 138 -3.73 50.00 8.53
N GLN A 139 -4.01 50.11 7.24
CA GLN A 139 -3.73 51.33 6.48
C GLN A 139 -4.70 52.46 6.81
N ALA A 140 -5.95 52.14 7.09
CA ALA A 140 -6.89 53.19 7.49
C ALA A 140 -6.50 53.80 8.82
N LYS A 141 -6.09 52.96 9.79
CA LYS A 141 -5.57 53.43 11.06
C LYS A 141 -4.30 54.25 10.87
N MET A 142 -3.50 53.90 9.88
CA MET A 142 -2.31 54.67 9.56
C MET A 142 -2.67 56.07 9.12
N SER A 143 -3.67 56.20 8.25
CA SER A 143 -4.12 57.51 7.81
C SER A 143 -4.65 58.32 8.98
N ALA A 144 -5.42 57.70 9.87
CA ALA A 144 -5.92 58.38 11.05
C ALA A 144 -4.78 58.84 11.94
N ASP A 145 -3.74 58.01 12.09
CA ASP A 145 -2.62 58.39 12.93
C ASP A 145 -1.85 59.57 12.36
N THR A 146 -1.80 59.70 11.04
CA THR A 146 -1.12 60.83 10.43
C THR A 146 -1.90 62.13 10.61
N ALA A 147 -3.23 62.09 10.54
CA ALA A 147 -4.03 63.29 10.76
C ALA A 147 -3.97 63.74 12.23
N LYS A 148 -4.12 62.78 13.15
CA LYS A 148 -4.06 63.12 14.58
C LYS A 148 -2.70 63.65 15.01
N GLU A 149 -1.61 63.15 14.41
CA GLU A 149 -0.28 63.67 14.71
C GLU A 149 -0.07 65.09 14.17
N VAL A 150 -0.68 65.41 13.02
CA VAL A 150 -0.59 66.77 12.48
C VAL A 150 -1.31 67.76 13.38
N GLN A 151 -2.37 67.32 14.07
CA GLN A 151 -3.04 68.19 15.02
C GLN A 151 -2.20 68.36 16.28
N ASN A 152 -1.25 67.46 16.53
CA ASN A 152 -0.41 67.55 17.73
C ASN A 152 0.70 68.60 17.57
N ASP A 153 1.48 68.51 16.50
CA ASP A 153 2.56 69.45 16.24
C ASP A 153 2.02 70.75 15.63
N LYS A 154 2.85 71.79 15.69
CA LYS A 154 2.56 73.03 15.00
C LYS A 154 3.86 73.62 14.52
N THR A 155 3.78 74.40 13.44
CA THR A 155 4.94 75.01 12.83
C THR A 155 4.49 76.22 12.01
N ASN A 160 -3.73 76.70 8.69
CA ASN A 160 -3.60 76.34 7.27
C ASN A 160 -2.15 76.38 6.80
N GLU A 161 -1.30 77.06 7.58
CA GLU A 161 0.11 77.21 7.23
C GLU A 161 0.91 75.92 7.45
N LYS A 162 0.39 74.98 8.23
CA LYS A 162 1.08 73.72 8.51
C LYS A 162 0.47 72.55 7.76
N ASP A 163 -0.49 72.81 6.86
CA ASP A 163 -1.17 71.75 6.14
C ASP A 163 -0.32 71.15 5.01
N ARG A 164 0.77 71.82 4.62
CA ARG A 164 1.62 71.31 3.54
C ARG A 164 2.29 69.99 3.92
N ARG A 165 2.72 69.84 5.17
CA ARG A 165 3.34 68.58 5.59
C ARG A 165 2.36 67.40 5.64
N LEU A 166 1.10 67.64 5.97
CA LEU A 166 0.12 66.55 6.00
C LEU A 166 -0.21 66.06 4.59
N ARG A 167 -0.41 66.99 3.65
CA ARG A 167 -0.64 66.58 2.28
C ARG A 167 0.59 65.87 1.71
N GLU A 168 1.79 66.33 2.08
CA GLU A 168 3.02 65.64 1.65
C GLU A 168 3.13 64.26 2.31
N LYS A 169 2.70 64.15 3.57
CA LYS A 169 2.66 62.85 4.22
C LYS A 169 1.66 61.92 3.52
N ARG A 170 0.55 62.48 3.06
CA ARG A 170 -0.43 61.71 2.30
C ARG A 170 0.15 61.26 0.96
N GLN A 171 0.88 62.14 0.26
CA GLN A 171 1.53 61.74 -0.98
C GLN A 171 2.54 60.62 -0.75
N ASN A 172 3.24 60.65 0.39
CA ASN A 172 4.19 59.61 0.77
C ASN A 172 3.54 58.33 1.33
N ASN A 173 2.30 58.39 1.83
CA ASN A 173 1.64 57.18 2.30
C ASN A 173 0.96 56.40 1.18
N VAL A 174 0.38 57.10 0.21
CA VAL A 174 -0.27 56.40 -0.89
C VAL A 174 0.74 55.52 -1.62
N LYS A 175 1.98 56.03 -1.74
CA LYS A 175 3.06 55.26 -2.34
C LYS A 175 3.38 54.03 -1.48
N ARG A 176 3.44 54.21 -0.16
CA ARG A 176 3.65 53.07 0.74
C ARG A 176 2.47 52.11 0.68
N PHE A 177 1.25 52.66 0.58
CA PHE A 177 0.03 51.86 0.44
C PHE A 177 -0.03 51.12 -0.89
N MET A 178 0.21 51.83 -2.00
CA MET A 178 0.15 51.18 -3.30
C MET A 178 1.16 50.04 -3.39
N GLU A 179 2.34 50.21 -2.81
CA GLU A 179 3.32 49.14 -2.82
C GLU A 179 2.88 47.93 -1.98
N GLU A 180 2.33 48.17 -0.79
CA GLU A 180 1.89 47.06 0.04
C GLU A 180 0.84 46.24 -0.66
N LYS A 181 -0.12 46.90 -1.31
CA LYS A 181 -1.11 46.16 -2.08
C LYS A 181 -0.44 45.38 -3.20
N LYS A 182 0.55 45.97 -3.88
CA LYS A 182 1.21 45.26 -4.96
C LYS A 182 1.87 43.98 -4.44
N GLN A 183 2.70 44.11 -3.40
CA GLN A 183 3.45 42.95 -2.93
C GLN A 183 2.56 41.88 -2.33
N ILE A 184 1.49 42.23 -1.60
CA ILE A 184 0.64 41.17 -1.05
C ILE A 184 -0.07 40.39 -2.14
N GLY A 185 -0.49 41.05 -3.21
CA GLY A 185 -1.11 40.34 -4.32
C GLY A 185 -0.15 39.35 -4.93
N VAL A 186 1.11 39.73 -5.03
CA VAL A 186 2.12 38.83 -5.57
C VAL A 186 2.21 37.58 -4.70
N LYS A 187 2.24 37.78 -3.38
CA LYS A 187 2.32 36.66 -2.45
C LYS A 187 1.09 35.78 -2.54
N GLN A 188 -0.09 36.41 -2.61
CA GLN A 188 -1.35 35.68 -2.73
C GLN A 188 -1.44 34.91 -4.05
N GLY A 189 -1.03 35.53 -5.14
CA GLY A 189 -1.02 34.85 -6.43
C GLY A 189 -0.09 33.66 -6.47
N ARG A 190 1.05 33.73 -5.77
CA ARG A 190 1.94 32.58 -5.68
C ARG A 190 1.31 31.48 -4.86
N ALA A 191 0.67 31.85 -3.76
CA ALA A 191 -0.07 30.88 -2.96
C ALA A 191 -1.13 30.20 -3.80
N MET A 192 -1.84 30.98 -4.61
CA MET A 192 -2.86 30.43 -5.49
C MET A 192 -2.25 29.49 -6.53
N GLU A 193 -1.17 29.91 -7.18
CA GLU A 193 -0.51 29.07 -8.17
C GLU A 193 -0.01 27.79 -7.53
N LYS A 194 0.60 27.88 -6.34
CA LYS A 194 1.12 26.68 -5.68
C LYS A 194 0.01 25.72 -5.34
N LEU A 195 -1.11 26.23 -4.84
CA LEU A 195 -2.26 25.40 -4.51
C LEU A 195 -2.78 24.71 -5.75
N LYS A 196 -2.93 25.46 -6.85
CA LYS A 196 -3.46 24.89 -8.08
C LYS A 196 -2.54 23.80 -8.62
N LEU A 197 -1.21 24.01 -8.54
CA LEU A 197 -0.28 22.97 -8.94
C LEU A 197 -0.45 21.71 -8.09
N ALA A 198 -0.63 21.89 -6.78
CA ALA A 198 -0.92 20.75 -5.94
C ALA A 198 -2.08 19.94 -6.48
N HIS A 199 -3.14 20.64 -6.89
CA HIS A 199 -4.31 19.97 -7.47
C HIS A 199 -3.98 19.25 -8.77
N SER A 200 -3.15 19.84 -9.63
CA SER A 200 -2.79 19.18 -10.88
C SER A 200 -2.06 17.88 -10.63
N LYS A 201 -1.14 17.90 -9.66
CA LYS A 201 -0.44 16.68 -9.28
C LYS A 201 -1.39 15.65 -8.68
N GLN A 202 -2.37 16.10 -7.90
CA GLN A 202 -3.32 15.17 -7.32
C GLN A 202 -4.09 14.44 -8.40
N ILE A 203 -4.57 15.17 -9.39
CA ILE A 203 -5.27 14.56 -10.52
C ILE A 203 -4.36 13.55 -11.21
N GLU A 204 -3.08 13.91 -11.34
CA GLU A 204 -2.12 12.98 -11.93
C GLU A 204 -2.05 11.70 -11.11
N GLU A 205 -1.72 11.81 -9.81
CA GLU A 205 -1.52 10.61 -8.98
C GLU A 205 -2.81 9.83 -8.81
N PHE A 206 -3.96 10.48 -8.88
CA PHE A 206 -5.20 9.73 -8.85
C PHE A 206 -5.33 8.81 -10.06
N SER A 207 -5.17 9.37 -11.25
CA SER A 207 -5.32 8.58 -12.47
C SER A 207 -4.31 7.43 -12.52
N THR A 208 -3.03 7.71 -12.22
CA THR A 208 -2.00 6.66 -12.30
C THR A 208 -2.18 5.56 -11.25
N ASP A 209 -2.66 5.91 -10.05
CA ASP A 209 -2.88 4.91 -8.99
C ASP A 209 -3.96 3.91 -9.42
N VAL A 210 -5.03 4.40 -10.02
CA VAL A 210 -6.06 3.54 -10.60
C VAL A 210 -5.47 2.65 -11.68
N GLN A 211 -4.68 3.23 -12.59
CA GLN A 211 -4.04 2.43 -13.64
C GLN A 211 -3.17 1.33 -13.04
N LYS A 212 -2.36 1.68 -12.03
CA LYS A 212 -1.53 0.70 -11.36
C LYS A 212 -2.37 -0.39 -10.72
N LEU A 213 -3.52 -0.01 -10.16
CA LEU A 213 -4.40 -1.00 -9.52
C LEU A 213 -4.86 -2.04 -10.52
N MET A 214 -5.44 -1.58 -11.63
CA MET A 214 -5.92 -2.50 -12.65
C MET A 214 -4.80 -3.41 -13.12
N ASP A 215 -3.63 -2.82 -13.40
CA ASP A 215 -2.49 -3.61 -13.85
C ASP A 215 -2.11 -4.64 -12.83
N MET A 216 -2.08 -4.24 -11.55
CA MET A 216 -1.75 -5.20 -10.51
C MET A 216 -2.72 -6.38 -10.52
N TYR A 217 -4.01 -6.12 -10.75
CA TYR A 217 -4.99 -7.20 -10.88
C TYR A 217 -4.63 -8.11 -12.04
N LYS A 218 -4.28 -7.52 -13.17
CA LYS A 218 -3.90 -8.32 -14.32
C LYS A 218 -2.74 -9.24 -13.94
N ILE A 219 -1.72 -8.69 -13.28
CA ILE A 219 -0.56 -9.50 -12.97
C ILE A 219 -0.78 -10.44 -11.80
N GLU A 220 -1.60 -10.07 -10.82
CA GLU A 220 -1.97 -11.03 -9.79
C GLU A 220 -2.71 -12.21 -10.39
N GLU A 221 -3.63 -11.91 -11.33
CA GLU A 221 -4.41 -12.96 -12.00
C GLU A 221 -3.50 -13.89 -12.79
N GLU A 222 -2.60 -13.29 -13.57
CA GLU A 222 -1.71 -14.08 -14.42
C GLU A 222 -0.76 -14.91 -13.59
N ALA A 223 -0.18 -14.33 -12.56
CA ALA A 223 0.80 -15.10 -11.80
C ALA A 223 0.15 -16.26 -11.09
N TYR A 224 -1.13 -16.13 -10.74
CA TYR A 224 -1.75 -17.15 -9.91
C TYR A 224 -1.88 -18.49 -10.62
N LYS A 225 -1.96 -18.51 -11.95
CA LYS A 225 -2.17 -19.80 -12.63
C LYS A 225 -1.03 -20.77 -12.36
N THR A 226 0.21 -20.29 -12.33
CA THR A 226 1.36 -21.14 -12.06
C THR A 226 1.83 -21.06 -10.62
N GLN A 227 1.04 -20.44 -9.75
CA GLN A 227 1.42 -20.24 -8.36
C GLN A 227 0.53 -21.01 -7.40
N GLY A 228 -0.78 -21.05 -7.67
CA GLY A 228 -1.69 -21.77 -6.80
C GLY A 228 -1.38 -23.24 -6.74
N LYS A 229 -0.67 -23.75 -7.75
CA LYS A 229 -0.22 -25.13 -7.74
C LYS A 229 0.84 -25.34 -6.65
N THR A 230 1.57 -24.29 -6.30
CA THR A 230 2.58 -24.36 -5.25
C THR A 230 2.02 -24.04 -3.88
N GLU A 231 0.71 -23.80 -3.78
CA GLU A 231 0.03 -23.42 -2.55
C GLU A 231 -1.10 -24.38 -2.19
N PHE A 232 -1.27 -24.57 -0.89
CA PHE A 232 -2.35 -25.35 -0.31
C PHE A 232 -2.95 -24.55 0.84
N TYR A 233 -4.21 -24.85 1.16
CA TYR A 233 -4.93 -24.13 2.19
C TYR A 233 -4.93 -24.95 3.48
N ALA A 234 -4.66 -24.27 4.59
CA ALA A 234 -4.70 -24.93 5.89
C ALA A 234 -5.82 -24.34 6.74
N ALA B 1 25.81 -4.52 -16.24
CA ALA B 1 24.40 -4.78 -16.00
C ALA B 1 24.25 -5.81 -14.89
N THR B 2 24.31 -7.08 -15.28
CA THR B 2 24.22 -8.15 -14.31
C THR B 2 25.52 -8.24 -13.49
N ALA B 3 25.37 -8.43 -12.18
CA ALA B 3 26.48 -8.48 -11.23
C ALA B 3 26.46 -9.82 -10.50
N GLU B 4 27.29 -9.91 -9.44
CA GLU B 4 27.41 -11.12 -8.64
C GLU B 4 26.58 -11.12 -7.36
N ILE B 5 26.19 -9.97 -6.84
CA ILE B 5 25.36 -9.89 -5.64
C ILE B 5 26.00 -10.61 -4.45
N LYS B 6 27.18 -10.11 -4.01
CA LYS B 6 27.82 -10.68 -2.82
C LYS B 6 27.10 -10.17 -1.57
N PRO B 7 26.98 -11.00 -0.53
CA PRO B 7 26.24 -10.56 0.67
C PRO B 7 26.92 -9.43 1.43
N ASN B 8 26.10 -8.69 2.17
CA ASN B 8 26.50 -7.52 2.97
C ASN B 8 27.21 -6.46 2.12
N LYS B 9 26.65 -6.22 0.94
CA LYS B 9 27.12 -5.22 0.01
C LYS B 9 25.96 -4.95 -0.95
N LYS B 10 25.74 -3.68 -1.27
CA LYS B 10 24.64 -3.29 -2.17
C LYS B 10 25.08 -3.50 -3.62
N ILE B 11 24.43 -4.44 -4.32
CA ILE B 11 24.75 -4.76 -5.70
C ILE B 11 23.57 -4.35 -6.58
N LEU B 12 23.86 -3.66 -7.67
CA LEU B 12 22.84 -3.21 -8.62
C LEU B 12 22.74 -4.22 -9.76
N ILE B 13 21.60 -4.89 -9.85
CA ILE B 13 21.39 -5.93 -10.84
C ILE B 13 20.46 -5.43 -11.94
N GLU B 14 20.52 -6.08 -13.09
CA GLU B 14 19.65 -5.78 -14.22
C GLU B 14 18.99 -7.10 -14.61
N LEU B 15 17.74 -7.29 -14.18
CA LEU B 15 17.01 -8.54 -14.30
C LEU B 15 15.94 -8.42 -15.39
N LYS B 16 16.05 -9.25 -16.42
CA LYS B 16 15.11 -9.21 -17.55
C LYS B 16 13.74 -9.73 -17.14
N VAL B 17 12.71 -8.89 -17.24
CA VAL B 17 11.35 -9.26 -16.88
C VAL B 17 10.48 -9.41 -18.12
N GLU B 18 10.28 -8.33 -18.87
CA GLU B 18 9.52 -8.35 -20.12
C GLU B 18 8.07 -8.81 -19.87
N LYS B 19 7.33 -7.93 -19.19
CA LYS B 19 5.89 -8.05 -18.92
C LYS B 19 5.52 -9.33 -18.19
N LYS B 20 6.49 -9.96 -17.55
CA LYS B 20 6.24 -11.23 -16.92
C LYS B 20 6.15 -11.10 -15.41
N PRO B 21 5.33 -11.94 -14.78
CA PRO B 21 5.23 -11.90 -13.31
C PRO B 21 6.55 -12.27 -12.65
N MET B 22 6.93 -11.47 -11.66
CA MET B 22 8.16 -11.72 -10.92
C MET B 22 8.00 -12.86 -9.94
N GLY B 23 6.80 -13.06 -9.41
CA GLY B 23 6.55 -14.21 -8.57
C GLY B 23 7.38 -14.21 -7.31
N VAL B 24 7.10 -13.26 -6.41
CA VAL B 24 7.76 -13.15 -5.13
C VAL B 24 6.75 -12.68 -4.10
N ILE B 25 6.97 -13.10 -2.86
CA ILE B 25 6.22 -12.62 -1.71
C ILE B 25 7.15 -11.71 -0.93
N VAL B 26 6.79 -10.44 -0.86
CA VAL B 26 7.62 -9.49 -0.13
C VAL B 26 6.84 -8.98 1.05
N CYS B 27 7.58 -8.47 2.02
CA CYS B 27 7.04 -7.87 3.22
C CYS B 27 7.58 -6.46 3.30
N GLY B 28 6.72 -5.51 3.62
CA GLY B 28 7.13 -4.12 3.77
C GLY B 28 5.93 -3.20 3.85
N GLY B 29 6.12 -1.99 4.36
CA GLY B 29 5.01 -1.06 4.43
C GLY B 29 4.87 -0.44 5.81
N LYS B 30 4.31 0.77 5.84
CA LYS B 30 4.11 1.45 7.11
C LYS B 30 3.02 0.77 7.96
N ASN B 31 2.00 0.19 7.32
CA ASN B 31 0.99 -0.56 8.05
C ASN B 31 1.35 -2.01 8.22
N ASN B 32 2.62 -2.37 7.97
CA ASN B 32 3.14 -3.73 8.01
C ASN B 32 4.01 -3.93 9.26
N HIS B 33 4.23 -5.22 9.60
CA HIS B 33 5.15 -5.57 10.67
C HIS B 33 6.60 -5.29 10.31
N VAL B 34 6.94 -5.38 9.01
CA VAL B 34 8.30 -5.13 8.54
C VAL B 34 8.36 -3.68 8.12
N THR B 35 8.81 -2.84 9.04
CA THR B 35 8.89 -1.40 8.83
C THR B 35 10.30 -0.92 8.53
N THR B 36 11.29 -1.80 8.42
CA THR B 36 12.67 -1.38 8.26
C THR B 36 13.22 -1.66 6.88
N GLY B 37 12.37 -2.00 5.92
CA GLY B 37 12.80 -2.25 4.56
C GLY B 37 11.92 -3.29 3.89
N CYS B 38 12.24 -3.56 2.63
CA CYS B 38 11.53 -4.55 1.83
C CYS B 38 12.40 -5.80 1.68
N VAL B 39 11.87 -6.96 2.09
CA VAL B 39 12.62 -8.22 2.10
C VAL B 39 11.80 -9.32 1.44
N ILE B 40 12.43 -10.06 0.52
CA ILE B 40 11.81 -11.25 -0.06
C ILE B 40 11.69 -12.35 0.98
N THR B 41 10.49 -12.90 1.11
CA THR B 41 10.27 -14.04 1.99
C THR B 41 9.98 -15.32 1.24
N HIS B 42 9.55 -15.23 -0.02
CA HIS B 42 9.34 -16.41 -0.86
C HIS B 42 9.56 -16.02 -2.31
N VAL B 43 10.08 -16.97 -3.09
CA VAL B 43 10.31 -16.80 -4.52
C VAL B 43 9.55 -17.89 -5.26
N TYR B 44 8.74 -17.48 -6.24
CA TYR B 44 8.05 -18.63 -6.85
C TYR B 44 8.85 -19.14 -8.03
N PRO B 45 8.82 -20.47 -8.20
CA PRO B 45 9.61 -21.08 -9.27
C PRO B 45 9.17 -20.68 -10.68
N GLU B 46 7.87 -20.56 -10.93
CA GLU B 46 7.44 -20.17 -12.27
C GLU B 46 7.62 -18.69 -12.56
N GLY B 47 7.86 -17.85 -11.54
CA GLY B 47 8.04 -16.43 -11.75
C GLY B 47 9.41 -16.09 -12.34
N GLN B 48 9.58 -14.82 -12.70
CA GLN B 48 10.84 -14.38 -13.28
C GLN B 48 11.96 -14.25 -12.25
N VAL B 49 11.64 -14.08 -10.97
CA VAL B 49 12.69 -13.96 -9.96
C VAL B 49 13.44 -15.26 -9.80
N ALA B 50 12.70 -16.38 -9.74
CA ALA B 50 13.36 -17.67 -9.77
C ALA B 50 14.02 -17.92 -11.12
N ALA B 51 13.41 -17.39 -12.20
CA ALA B 51 14.01 -17.48 -13.53
C ALA B 51 15.33 -16.73 -13.60
N ASP B 52 15.56 -15.76 -12.71
CA ASP B 52 16.83 -15.07 -12.63
C ASP B 52 17.84 -15.89 -11.84
N LYS B 53 17.38 -16.67 -10.87
CA LYS B 53 18.23 -17.58 -10.11
C LYS B 53 19.36 -16.83 -9.40
N ARG B 54 19.05 -15.63 -8.91
CA ARG B 54 20.02 -14.84 -8.16
C ARG B 54 19.50 -14.35 -6.83
N LEU B 55 18.20 -14.44 -6.57
CA LEU B 55 17.61 -13.87 -5.36
C LEU B 55 17.11 -15.00 -4.46
N LYS B 56 17.80 -15.19 -3.34
CA LYS B 56 17.34 -16.13 -2.34
C LYS B 56 16.43 -15.38 -1.37
N ILE B 57 15.98 -16.07 -0.34
CA ILE B 57 15.12 -15.45 0.66
C ILE B 57 15.96 -14.60 1.59
N PHE B 58 15.33 -13.54 2.15
CA PHE B 58 15.96 -12.60 3.09
C PHE B 58 16.99 -11.72 2.39
N ASP B 59 16.59 -11.18 1.24
CA ASP B 59 17.36 -10.22 0.47
C ASP B 59 16.63 -8.89 0.50
N HIS B 60 17.29 -7.84 0.99
CA HIS B 60 16.65 -6.53 1.15
C HIS B 60 16.67 -5.75 -0.15
N ILE B 61 15.51 -5.56 -0.77
CA ILE B 61 15.38 -4.78 -2.00
C ILE B 61 15.25 -3.32 -1.61
N CYS B 62 16.33 -2.59 -1.79
CA CYS B 62 16.37 -1.18 -1.44
C CYS B 62 15.85 -0.32 -2.58
N ASP B 63 16.04 -0.76 -3.82
CA ASP B 63 15.63 0.01 -4.98
C ASP B 63 15.02 -0.93 -6.00
N ILE B 64 14.19 -0.35 -6.86
CA ILE B 64 13.41 -1.11 -7.83
C ILE B 64 13.06 -0.23 -9.03
N ASN B 65 13.81 -0.37 -10.13
CA ASN B 65 13.68 0.46 -11.34
C ASN B 65 13.88 1.94 -11.02
N GLY B 66 15.01 2.24 -10.40
CA GLY B 66 15.34 3.62 -10.07
C GLY B 66 14.45 4.22 -9.00
N THR B 67 13.69 3.39 -8.30
CA THR B 67 12.81 3.84 -7.24
C THR B 67 13.32 3.32 -5.90
N PRO B 68 13.73 4.20 -4.99
CA PRO B 68 14.15 3.73 -3.66
C PRO B 68 12.98 3.15 -2.89
N ILE B 69 13.16 1.93 -2.37
CA ILE B 69 12.07 1.20 -1.72
C ILE B 69 12.16 1.52 -0.23
N HIS B 70 11.41 2.55 0.17
CA HIS B 70 11.23 2.91 1.57
C HIS B 70 9.85 2.44 2.00
N VAL B 71 9.82 1.63 3.06
CA VAL B 71 8.56 1.09 3.55
C VAL B 71 7.86 2.03 4.52
N GLY B 72 8.54 3.09 4.98
CA GLY B 72 7.95 3.99 5.97
C GLY B 72 6.90 4.93 5.43
N SER B 73 7.02 5.32 4.15
CA SER B 73 6.08 6.25 3.54
C SER B 73 5.11 5.57 2.57
N MET B 74 5.15 4.24 2.50
CA MET B 74 4.30 3.47 1.59
C MET B 74 3.51 2.43 2.35
N THR B 75 2.26 2.24 1.95
CA THR B 75 1.43 1.20 2.51
C THR B 75 1.94 -0.16 2.06
N THR B 76 1.46 -1.22 2.73
CA THR B 76 1.82 -2.57 2.33
C THR B 76 1.33 -2.87 0.92
N LEU B 77 0.17 -2.33 0.56
CA LEU B 77 -0.37 -2.55 -0.78
C LEU B 77 0.48 -1.88 -1.84
N LYS B 78 1.15 -0.79 -1.49
CA LYS B 78 1.97 -0.07 -2.45
C LYS B 78 3.29 -0.77 -2.69
N VAL B 79 3.89 -1.30 -1.62
CA VAL B 79 5.12 -2.11 -1.73
C VAL B 79 4.86 -3.42 -2.47
N HIS B 80 3.75 -4.08 -2.14
CA HIS B 80 3.38 -5.31 -2.86
C HIS B 80 3.11 -5.04 -4.33
N GLN B 81 2.53 -3.87 -4.65
CA GLN B 81 2.23 -3.51 -6.04
C GLN B 81 3.49 -3.30 -6.86
N LEU B 82 4.60 -2.95 -6.22
CA LEU B 82 5.85 -2.77 -6.95
C LEU B 82 6.27 -4.06 -7.64
N PHE B 83 6.05 -5.19 -6.98
CA PHE B 83 6.43 -6.50 -7.47
C PHE B 83 5.34 -7.14 -8.31
N HIS B 84 4.18 -6.52 -8.38
CA HIS B 84 3.07 -7.01 -9.19
C HIS B 84 2.63 -5.95 -10.19
N THR B 85 3.60 -5.42 -10.92
CA THR B 85 3.37 -4.41 -11.95
C THR B 85 4.08 -4.86 -13.22
N THR B 86 3.52 -4.48 -14.36
CA THR B 86 4.09 -4.87 -15.64
C THR B 86 5.38 -4.09 -15.90
N TYR B 87 6.39 -4.80 -16.38
CA TYR B 87 7.67 -4.19 -16.70
C TYR B 87 8.12 -4.71 -18.06
N GLU B 88 8.53 -3.80 -18.95
CA GLU B 88 8.83 -4.15 -20.33
C GLU B 88 10.23 -4.70 -20.54
N LYS B 89 11.21 -4.29 -19.73
CA LYS B 89 12.58 -4.68 -20.00
C LYS B 89 13.22 -5.11 -18.68
N ALA B 90 14.55 -5.19 -18.70
CA ALA B 90 15.29 -5.52 -17.49
C ALA B 90 15.08 -4.44 -16.44
N VAL B 91 14.72 -4.85 -15.23
CA VAL B 91 14.45 -3.91 -14.15
C VAL B 91 15.72 -3.71 -13.32
N THR B 92 16.01 -2.44 -12.98
CA THR B 92 17.20 -2.09 -12.22
C THR B 92 16.89 -2.13 -10.72
N LEU B 93 17.51 -3.06 -10.00
CA LEU B 93 17.34 -3.19 -8.56
C LEU B 93 18.67 -3.01 -7.83
N THR B 94 18.58 -2.47 -6.61
CA THR B 94 19.70 -2.47 -5.69
C THR B 94 19.31 -3.43 -4.56
N VAL B 95 20.01 -4.55 -4.47
CA VAL B 95 19.71 -5.62 -3.54
C VAL B 95 20.81 -5.71 -2.49
N PHE B 96 20.43 -5.94 -1.23
CA PHE B 96 21.36 -6.05 -0.09
C PHE B 96 21.05 -7.34 0.67
N ARG B 97 21.77 -8.43 0.33
CA ARG B 97 21.77 -9.68 1.08
C ARG B 97 22.84 -9.60 2.17
N ALA B 98 22.67 -10.43 3.20
CA ALA B 98 23.59 -10.39 4.33
C ALA B 98 24.00 -11.78 4.77
N ASP B 99 25.16 -11.84 5.42
CA ASP B 99 25.67 -13.05 6.06
C ASP B 99 26.30 -12.60 7.38
N PRO B 100 25.63 -12.81 8.52
CA PRO B 100 24.32 -13.47 8.60
C PRO B 100 23.15 -12.58 8.19
N PRO B 101 22.13 -13.15 7.56
CA PRO B 101 20.96 -12.36 7.16
C PRO B 101 20.22 -11.86 8.39
N GLU B 102 19.98 -10.54 8.44
CA GLU B 102 19.33 -9.91 9.59
C GLU B 102 17.91 -10.41 9.73
N LEU B 103 17.59 -10.99 10.89
CA LEU B 103 16.25 -11.54 11.10
C LEU B 103 15.98 -11.71 12.59
N GLU B 104 14.71 -11.60 12.94
CA GLU B 104 14.21 -11.87 14.28
C GLU B 104 13.37 -13.13 14.26
N LYS B 105 13.55 -13.98 15.26
CA LYS B 105 12.82 -15.23 15.34
C LYS B 105 11.97 -15.20 16.60
N PHE B 106 10.66 -15.33 16.42
CA PHE B 106 9.70 -15.38 17.51
C PHE B 106 8.91 -16.68 17.39
N ASN B 107 7.89 -16.82 18.22
CA ASN B 107 7.10 -18.04 18.26
C ASN B 107 5.61 -17.67 18.35
N VAL B 108 4.76 -18.65 18.01
CA VAL B 108 3.30 -18.48 18.07
C VAL B 108 2.68 -19.78 18.56
N ASP B 109 1.51 -19.68 19.21
CA ASP B 109 0.80 -20.83 19.74
C ASP B 109 -0.69 -20.53 19.77
N LEU B 110 -1.51 -21.59 19.87
CA LEU B 110 -2.95 -21.45 19.93
C LEU B 110 -3.56 -22.84 20.08
N MET B 111 -4.90 -22.95 20.05
CA MET B 111 -5.58 -24.24 20.08
C MET B 111 -6.52 -24.27 18.88
N LYS B 112 -6.71 -25.46 18.30
CA LYS B 112 -7.53 -25.54 17.09
C LYS B 112 -8.92 -26.05 17.41
N LYS B 113 -9.87 -25.63 16.57
CA LYS B 113 -11.28 -25.96 16.71
C LYS B 113 -11.85 -26.38 15.35
N ALA B 114 -13.01 -27.02 15.37
CA ALA B 114 -13.66 -27.45 14.14
C ALA B 114 -15.13 -27.79 14.38
N LYS B 116 -13.91 -24.99 12.14
CA LYS B 116 -13.17 -23.78 11.78
C LYS B 116 -11.77 -24.12 11.30
N GLU B 117 -11.54 -23.92 10.00
CA GLU B 117 -10.22 -24.18 9.43
C GLU B 117 -9.25 -23.11 9.90
N LEU B 118 -7.98 -23.22 9.49
CA LEU B 118 -6.97 -22.30 9.99
C LEU B 118 -6.94 -20.96 9.25
N GLY B 119 -7.10 -20.95 7.93
CA GLY B 119 -7.16 -19.71 7.17
C GLY B 119 -5.84 -19.22 6.61
N LEU B 120 -4.89 -20.12 6.38
CA LEU B 120 -3.57 -19.79 5.87
C LEU B 120 -3.31 -20.61 4.63
N SER B 121 -2.84 -19.95 3.58
CA SER B 121 -2.42 -20.60 2.35
C SER B 121 -0.89 -20.63 2.34
N LEU B 122 -0.31 -21.81 2.44
CA LEU B 122 1.14 -21.93 2.59
C LEU B 122 1.80 -22.36 1.28
N SER B 123 3.00 -21.84 1.06
CA SER B 123 3.83 -22.17 -0.10
C SER B 123 5.18 -22.65 0.44
N PRO B 124 5.46 -23.96 0.39
CA PRO B 124 6.70 -24.47 0.98
C PRO B 124 7.93 -23.89 0.30
N ASN B 125 8.88 -23.48 1.13
CA ASN B 125 10.16 -22.93 0.72
C ASN B 125 11.26 -23.77 1.32
N GLU B 126 12.50 -23.43 0.96
CA GLU B 126 13.65 -24.09 1.55
C GLU B 126 13.84 -23.64 2.99
N ILE B 127 13.28 -22.49 3.36
CA ILE B 127 13.40 -21.97 4.71
C ILE B 127 12.25 -22.43 5.60
N GLY B 128 11.06 -22.53 5.03
CA GLY B 128 9.90 -22.97 5.75
C GLY B 128 8.69 -22.92 4.86
N CYS B 129 7.57 -22.45 5.39
CA CYS B 129 6.32 -22.30 4.65
C CYS B 129 5.90 -20.84 4.77
N THR B 130 6.12 -20.05 3.71
CA THR B 130 5.74 -18.63 3.73
C THR B 130 4.24 -18.47 3.54
N ILE B 131 3.60 -17.60 4.34
CA ILE B 131 2.16 -17.39 4.23
C ILE B 131 1.83 -16.58 2.97
N ALA B 132 1.02 -17.16 2.08
CA ALA B 132 0.61 -16.48 0.85
C ALA B 132 -0.72 -15.77 0.97
N ASP B 133 -1.63 -16.24 1.83
CA ASP B 133 -2.90 -15.55 1.98
C ASP B 133 -3.45 -15.89 3.37
N LEU B 134 -3.78 -14.84 4.13
CA LEU B 134 -4.29 -14.97 5.49
C LEU B 134 -5.70 -14.40 5.54
N ILE B 135 -6.64 -15.20 6.05
CA ILE B 135 -8.05 -14.82 6.13
C ILE B 135 -8.34 -14.19 7.48
N GLN B 136 -8.80 -12.94 7.45
CA GLN B 136 -9.17 -12.26 8.66
C GLN B 136 -10.56 -12.75 9.08
N GLY B 137 -10.86 -12.59 10.36
CA GLY B 137 -12.15 -12.97 10.87
C GLY B 137 -12.23 -14.35 11.48
N GLN B 138 -11.14 -15.11 11.47
CA GLN B 138 -11.14 -16.41 12.11
C GLN B 138 -9.82 -16.67 12.82
N TYR B 139 -9.90 -17.20 14.03
CA TYR B 139 -8.73 -17.40 14.88
C TYR B 139 -7.94 -16.10 15.01
N PRO B 140 -8.40 -15.15 15.83
CA PRO B 140 -7.82 -13.79 15.83
C PRO B 140 -6.33 -13.71 16.17
N GLU B 141 -5.71 -14.74 16.75
CA GLU B 141 -4.30 -14.65 17.12
C GLU B 141 -3.41 -14.36 15.90
N ILE B 142 -3.59 -15.14 14.81
CA ILE B 142 -2.84 -14.91 13.57
C ILE B 142 -3.09 -13.51 13.03
N ASP B 143 -4.30 -12.99 13.22
CA ASP B 143 -4.63 -11.65 12.78
C ASP B 143 -3.73 -10.59 13.42
N SER B 144 -3.28 -10.82 14.65
CA SER B 144 -2.43 -9.86 15.35
C SER B 144 -0.95 -10.24 15.38
N LYS B 145 -0.53 -11.31 14.71
CA LYS B 145 0.84 -11.75 14.81
C LYS B 145 1.39 -12.13 13.43
N LEU B 146 0.58 -12.84 12.65
CA LEU B 146 0.98 -13.35 11.36
C LEU B 146 0.58 -12.40 10.24
N GLN B 147 1.26 -12.55 9.11
CA GLN B 147 0.97 -11.73 7.96
C GLN B 147 1.45 -12.44 6.71
N ARG B 148 0.95 -11.99 5.57
CA ARG B 148 1.46 -12.48 4.31
C ARG B 148 2.91 -12.06 4.17
N GLY B 149 3.78 -13.07 4.14
CA GLY B 149 5.22 -12.89 4.15
C GLY B 149 5.87 -13.49 5.37
N ASP B 150 5.12 -13.65 6.46
CA ASP B 150 5.65 -14.31 7.65
C ASP B 150 5.79 -15.80 7.34
N ILE B 151 7.04 -16.32 7.44
CA ILE B 151 7.41 -17.70 7.15
C ILE B 151 7.28 -18.56 8.41
N ILE B 152 6.69 -19.75 8.27
CA ILE B 152 6.53 -20.68 9.39
C ILE B 152 7.56 -21.81 9.26
N THR B 153 8.42 -21.92 10.28
CA THR B 153 9.54 -22.87 10.28
C THR B 153 9.27 -24.13 11.09
N LYS B 154 8.17 -24.19 11.85
CA LYS B 154 7.85 -25.37 12.65
C LYS B 154 6.33 -25.48 12.81
N PHE B 155 5.84 -26.71 12.98
CA PHE B 155 4.42 -26.98 13.22
C PHE B 155 4.26 -28.23 14.05
N ASN B 156 3.60 -28.10 15.21
CA ASN B 156 3.44 -29.20 16.17
C ASN B 156 4.78 -29.79 16.56
N GLY B 157 5.80 -28.92 16.60
CA GLY B 157 7.17 -29.29 16.83
C GLY B 157 7.91 -29.81 15.62
N ASP B 158 7.27 -29.82 14.44
CA ASP B 158 7.88 -30.36 13.22
C ASP B 158 8.36 -29.21 12.34
N ALA B 159 9.65 -29.22 12.01
CA ALA B 159 10.23 -28.17 11.17
C ALA B 159 9.75 -28.34 9.73
N LEU B 160 9.65 -27.23 9.01
CA LEU B 160 9.16 -27.23 7.65
C LEU B 160 10.24 -26.81 6.66
N GLU B 161 11.50 -27.05 7.01
CA GLU B 161 12.61 -26.57 6.22
C GLU B 161 12.82 -27.44 4.98
N GLY B 162 12.45 -26.92 3.80
CA GLY B 162 12.70 -27.61 2.56
C GLY B 162 12.04 -28.97 2.46
N LEU B 163 10.77 -29.03 2.78
CA LEU B 163 9.98 -30.25 2.83
C LEU B 163 9.14 -30.43 1.57
N PRO B 164 8.77 -31.67 1.22
CA PRO B 164 7.88 -31.87 0.07
C PRO B 164 6.50 -31.29 0.31
N PHE B 165 5.80 -31.03 -0.79
CA PHE B 165 4.48 -30.39 -0.73
C PHE B 165 3.45 -31.27 -0.03
N GLN B 166 3.50 -32.58 -0.29
CA GLN B 166 2.48 -33.49 0.24
C GLN B 166 2.57 -33.63 1.76
N VAL B 167 3.79 -33.64 2.29
CA VAL B 167 3.99 -33.80 3.74
C VAL B 167 3.46 -32.60 4.49
N CYS B 168 3.83 -31.39 4.04
CA CYS B 168 3.37 -30.17 4.68
C CYS B 168 1.86 -30.07 4.64
N TYR B 169 1.25 -30.42 3.51
CA TYR B 169 -0.20 -30.41 3.42
C TYR B 169 -0.82 -31.33 4.46
N ALA B 170 -0.28 -32.54 4.58
CA ALA B 170 -0.87 -33.51 5.50
C ALA B 170 -0.77 -33.04 6.94
N LEU B 171 0.44 -32.66 7.38
CA LEU B 171 0.60 -32.33 8.79
C LEU B 171 -0.14 -31.05 9.15
N PHE B 172 -0.31 -30.14 8.20
CA PHE B 172 -1.12 -28.97 8.49
C PHE B 172 -2.59 -29.37 8.58
N LYS B 173 -3.01 -30.32 7.75
CA LYS B 173 -4.39 -30.78 7.76
C LYS B 173 -4.77 -31.50 9.05
N GLY B 174 -3.79 -32.05 9.78
CA GLY B 174 -4.13 -32.84 10.97
C GLY B 174 -4.91 -32.06 12.03
N ALA B 175 -4.42 -30.87 12.41
CA ALA B 175 -5.11 -29.97 13.38
C ALA B 175 -5.48 -30.76 14.64
N ASN B 176 -6.75 -30.80 15.04
CA ASN B 176 -7.23 -31.63 16.17
C ASN B 176 -6.54 -31.36 17.50
N GLY B 177 -6.40 -30.10 17.88
CA GLY B 177 -5.85 -29.82 19.20
C GLY B 177 -4.95 -28.62 19.31
N LYS B 178 -3.94 -28.74 20.17
CA LYS B 178 -2.98 -27.68 20.36
C LYS B 178 -2.17 -27.50 19.08
N VAL B 179 -1.63 -26.31 18.92
CA VAL B 179 -0.82 -25.95 17.76
C VAL B 179 0.34 -25.09 18.26
N SER B 180 1.43 -25.11 17.51
CA SER B 180 2.59 -24.29 17.84
C SER B 180 3.41 -24.09 16.59
N MET B 181 3.71 -22.84 16.28
CA MET B 181 4.47 -22.51 15.08
C MET B 181 5.62 -21.57 15.42
N GLU B 182 6.76 -21.81 14.79
CA GLU B 182 7.92 -20.96 14.97
C GLU B 182 7.99 -20.13 13.72
N VAL B 183 8.12 -18.83 13.89
CA VAL B 183 8.02 -17.92 12.77
C VAL B 183 9.33 -17.15 12.67
N THR B 184 9.57 -16.58 11.50
CA THR B 184 10.73 -15.76 11.24
C THR B 184 10.27 -14.51 10.52
N ARG B 185 10.59 -13.37 11.10
CA ARG B 185 10.24 -12.16 10.41
C ARG B 185 11.53 -11.41 10.12
N PRO B 186 11.66 -10.80 8.94
CA PRO B 186 12.87 -10.01 8.67
C PRO B 186 12.83 -8.67 9.41
N LYS B 187 13.89 -8.38 10.15
CA LYS B 187 14.09 -7.10 10.84
C LYS B 187 15.40 -6.52 10.33
N PRO B 188 15.42 -6.08 9.07
CA PRO B 188 16.68 -5.66 8.46
C PRO B 188 17.10 -4.28 8.93
N THR B 189 18.39 -4.01 8.72
CA THR B 189 18.89 -2.67 8.98
C THR B 189 18.32 -1.73 7.92
N LEU B 190 17.72 -0.64 8.37
CA LEU B 190 17.16 0.32 7.43
C LEU B 190 18.28 0.89 6.55
N ARG B 191 17.96 1.13 5.26
CA ARG B 191 19.01 1.53 4.33
C ARG B 191 18.54 2.57 3.30
N THR B 192 17.42 3.26 3.52
CA THR B 192 16.93 4.27 2.58
C THR B 192 16.36 5.48 3.36
N GLU B 193 15.78 6.44 2.62
CA GLU B 193 15.15 7.63 3.21
C GLU B 193 14.09 8.17 2.25
N ALA B 194 13.07 8.83 2.81
CA ALA B 194 11.97 9.35 1.99
C ALA B 194 12.40 10.54 1.13
#